data_3W75
#
_entry.id   3W75
#
_cell.length_a   67.727
_cell.length_b   71.599
_cell.length_c   129.010
_cell.angle_alpha   90.000
_cell.angle_beta   90.000
_cell.angle_gamma   90.000
#
_symmetry.space_group_name_H-M   'P 21 21 21'
#
loop_
_entity.id
_entity.type
_entity.pdbx_description
1 polymer 'Dihydroorotate dehydrogenase (fumarate)'
2 non-polymer '5-[2-(3,5-dimethoxyphenyl)ethyl]-2,6-dioxo-1,2,3,6-tetrahydropyrimidine-4-carboxylic acid'
3 non-polymer GLYCEROL
4 non-polymer 'FLAVIN MONONUCLEOTIDE'
5 non-polymer 'COBALT HEXAMMINE(III)'
6 water water
#
_entity_poly.entity_id   1
_entity_poly.type   'polypeptide(L)'
_entity_poly.pdbx_seq_one_letter_code
;MCLKLNLLDHVFANPFMNAAGVLCSTEEDLRCMTASSSGALVSKSCTSAPRDGNPEPRYMAFPLGSINSMGLPNLGFDFY
LKYASDLHDYSKKPLFLSISGLSVEENVAMVRRLAPVAQEKGVLLELNLSCPNVPGKPQVAYDFEAMRTYLQQVSLAYGL
PFGVKMPPYFDIAHFDTAAAVLNEFPLVKFVTCVNSVGNGLVIDAESESVVIKPKQGFGGLGGKYILPTALANVNAFYRR
CPDKLVFGCGGVYSGEDAFLHILAGASMVQVGTALQEEGPGIFTRLEDELLEIMARKGYRTLEEFRGRVKTIE
;
_entity_poly.pdbx_strand_id   A,B
#
# COMPACT_ATOMS: atom_id res chain seq x y z
N MET A 1 23.82 -29.37 -4.30
CA MET A 1 22.97 -28.21 -4.77
C MET A 1 23.37 -26.86 -4.12
N CYS A 2 23.54 -25.87 -4.96
CA CYS A 2 23.95 -24.52 -4.48
C CYS A 2 23.15 -23.54 -5.28
N LEU A 3 23.04 -22.31 -4.70
CA LEU A 3 22.14 -21.19 -5.14
C LEU A 3 22.89 -20.18 -6.01
N LYS A 4 24.14 -20.48 -6.49
CA LYS A 4 24.94 -19.45 -7.21
C LYS A 4 24.37 -19.18 -8.57
N LEU A 5 24.49 -17.93 -8.91
CA LEU A 5 23.98 -17.36 -10.14
C LEU A 5 24.79 -16.26 -10.70
N ASN A 6 24.63 -15.93 -11.99
CA ASN A 6 25.33 -14.90 -12.71
C ASN A 6 24.39 -13.96 -13.23
N LEU A 7 24.57 -12.64 -12.95
CA LEU A 7 23.71 -11.57 -13.42
C LEU A 7 24.58 -10.37 -13.68
N LEU A 8 24.25 -9.57 -14.64
CA LEU A 8 24.93 -8.31 -14.90
C LEU A 8 26.51 -8.51 -15.01
N ASP A 9 26.94 -9.61 -15.54
CA ASP A 9 28.39 -9.85 -15.68
C ASP A 9 29.12 -10.04 -14.39
N HIS A 10 28.35 -10.42 -13.34
CA HIS A 10 28.86 -10.71 -12.06
C HIS A 10 28.41 -12.06 -11.57
N VAL A 11 29.16 -12.69 -10.75
CA VAL A 11 28.80 -13.97 -10.12
C VAL A 11 28.34 -13.68 -8.71
N PHE A 12 27.25 -14.34 -8.33
CA PHE A 12 26.68 -14.22 -7.01
C PHE A 12 26.54 -15.61 -6.36
N ALA A 13 26.97 -15.77 -5.12
CA ALA A 13 26.88 -17.09 -4.37
C ALA A 13 25.45 -17.53 -4.15
N ASN A 14 24.50 -16.55 -4.08
CA ASN A 14 23.08 -16.82 -3.86
C ASN A 14 22.35 -15.52 -4.22
N PRO A 15 21.02 -15.52 -4.28
CA PRO A 15 20.31 -14.32 -4.72
C PRO A 15 20.07 -13.33 -3.61
N PHE A 16 20.52 -13.52 -2.41
CA PHE A 16 20.18 -12.64 -1.29
C PHE A 16 21.10 -11.50 -1.10
N MET A 17 20.53 -10.37 -0.73
CA MET A 17 21.31 -9.20 -0.33
C MET A 17 20.50 -8.37 0.63
N ASN A 18 21.14 -7.43 1.34
CA ASN A 18 20.41 -6.44 2.13
C ASN A 18 19.66 -5.53 1.20
N ALA A 19 18.59 -4.99 1.74
CA ALA A 19 17.89 -3.85 1.14
C ALA A 19 18.64 -2.58 1.48
N ALA A 20 18.67 -1.62 0.53
CA ALA A 20 19.37 -0.39 0.76
C ALA A 20 18.80 0.24 2.03
N GLY A 21 19.72 0.83 2.80
CA GLY A 21 19.41 1.45 4.04
C GLY A 21 19.53 0.67 5.28
N VAL A 22 19.45 -0.68 5.13
CA VAL A 22 19.57 -1.57 6.27
C VAL A 22 20.98 -2.17 6.34
N LEU A 23 21.65 -2.04 7.47
CA LEU A 23 23.02 -2.55 7.71
C LEU A 23 24.01 -2.18 6.67
N CYS A 24 24.09 -0.89 6.35
CA CYS A 24 24.89 -0.48 5.21
C CYS A 24 25.30 0.98 5.18
N SER A 25 25.25 1.62 6.31
CA SER A 25 25.51 3.05 6.41
C SER A 25 26.94 3.34 6.69
N THR A 26 27.58 2.63 7.58
CA THR A 26 28.93 2.91 7.98
C THR A 26 29.88 1.84 7.45
N GLU A 27 31.21 2.08 7.59
CA GLU A 27 32.21 1.11 7.23
C GLU A 27 32.00 -0.23 8.00
N GLU A 28 31.74 -0.13 9.27
CA GLU A 28 31.41 -1.25 10.12
C GLU A 28 30.28 -2.05 9.53
N ASP A 29 29.19 -1.37 9.16
CA ASP A 29 28.02 -2.04 8.61
C ASP A 29 28.34 -2.78 7.30
N LEU A 30 29.10 -2.13 6.43
CA LEU A 30 29.46 -2.69 5.13
C LEU A 30 30.40 -3.86 5.29
N ARG A 31 31.32 -3.80 6.24
CA ARG A 31 32.16 -4.94 6.53
C ARG A 31 31.40 -6.11 7.11
N CYS A 32 30.36 -5.81 7.91
CA CYS A 32 29.50 -6.85 8.49
C CYS A 32 28.75 -7.49 7.34
N MET A 33 28.10 -6.72 6.49
CA MET A 33 27.41 -7.33 5.38
C MET A 33 28.33 -8.13 4.47
N THR A 34 29.56 -7.66 4.28
CA THR A 34 30.51 -8.39 3.47
C THR A 34 30.89 -9.73 4.11
N ALA A 35 30.99 -9.78 5.40
CA ALA A 35 31.32 -11.01 6.13
C ALA A 35 30.18 -11.96 6.17
N SER A 36 28.96 -11.54 5.98
CA SER A 36 27.78 -12.37 5.99
C SER A 36 27.77 -13.35 4.80
N SER A 37 26.77 -14.22 4.90
CA SER A 37 26.55 -15.21 3.79
C SER A 37 25.75 -14.65 2.64
N SER A 38 25.40 -13.35 2.68
CA SER A 38 24.66 -12.79 1.55
C SER A 38 25.43 -12.94 0.24
N GLY A 39 24.73 -13.00 -0.88
CA GLY A 39 25.29 -13.01 -2.16
C GLY A 39 25.84 -11.69 -2.64
N ALA A 40 25.30 -10.58 -2.10
CA ALA A 40 25.77 -9.25 -2.48
C ALA A 40 25.42 -8.32 -1.33
N LEU A 41 25.83 -7.04 -1.48
CA LEU A 41 25.41 -6.04 -0.56
C LEU A 41 25.19 -4.71 -1.31
N VAL A 42 24.35 -3.85 -0.78
CA VAL A 42 24.10 -2.48 -1.31
C VAL A 42 24.36 -1.52 -0.19
N SER A 43 24.94 -0.37 -0.54
CA SER A 43 25.13 0.70 0.40
C SER A 43 23.91 1.51 0.70
N LYS A 44 23.94 2.31 1.78
CA LYS A 44 22.87 3.24 2.13
C LYS A 44 22.75 4.24 1.00
N SER A 45 21.55 4.66 0.63
CA SER A 45 21.43 5.72 -0.38
C SER A 45 22.11 6.97 0.09
N CYS A 46 22.90 7.52 -0.87
CA CYS A 46 23.70 8.66 -0.47
C CYS A 46 23.36 9.90 -1.25
N THR A 47 23.82 10.99 -0.62
CA THR A 47 23.71 12.35 -1.15
C THR A 47 25.13 12.87 -1.30
N SER A 48 25.28 14.02 -2.03
CA SER A 48 26.61 14.55 -2.19
C SER A 48 27.29 14.92 -0.90
N ALA A 49 26.58 15.58 -0.03
CA ALA A 49 27.05 15.87 1.30
C ALA A 49 26.50 14.90 2.40
N PRO A 50 27.18 14.71 3.48
CA PRO A 50 26.64 13.95 4.60
C PRO A 50 25.40 14.53 5.10
N ARG A 51 24.49 13.68 5.60
CA ARG A 51 23.24 14.11 6.27
C ARG A 51 23.10 13.39 7.59
N ASP A 52 22.58 14.12 8.56
CA ASP A 52 22.26 13.54 9.85
C ASP A 52 20.91 12.78 9.87
N GLY A 53 20.05 13.14 8.95
CA GLY A 53 18.68 12.56 8.93
C GLY A 53 17.82 13.17 9.96
N ASN A 54 16.70 12.54 10.20
CA ASN A 54 15.64 13.05 11.05
C ASN A 54 15.86 12.75 12.48
N PRO A 55 15.08 13.52 13.35
CA PRO A 55 15.15 13.20 14.77
C PRO A 55 14.64 11.81 15.16
N GLU A 56 15.17 11.25 16.22
CA GLU A 56 14.81 9.94 16.76
C GLU A 56 13.67 10.07 17.74
N PRO A 57 12.80 9.06 17.88
CA PRO A 57 12.82 7.78 17.18
C PRO A 57 12.33 7.91 15.73
N ARG A 58 13.04 7.23 14.83
CA ARG A 58 12.74 7.37 13.40
C ARG A 58 12.57 6.02 12.69
N TYR A 59 12.73 4.95 13.43
CA TYR A 59 12.49 3.55 12.97
C TYR A 59 11.84 2.80 14.10
N MET A 60 10.78 2.06 13.81
CA MET A 60 10.24 1.11 14.77
C MET A 60 9.76 -0.11 14.13
N ALA A 61 9.86 -1.24 14.78
CA ALA A 61 9.41 -2.51 14.28
C ALA A 61 8.49 -3.20 15.21
N PHE A 62 7.64 -4.02 14.58
CA PHE A 62 6.50 -4.70 15.19
C PHE A 62 6.37 -6.04 14.57
N PRO A 63 5.48 -6.92 15.12
CA PRO A 63 5.37 -8.26 14.60
C PRO A 63 5.10 -8.33 13.12
N LEU A 64 4.35 -7.38 12.58
CA LEU A 64 4.01 -7.42 11.17
C LEU A 64 4.88 -6.54 10.27
N GLY A 65 5.81 -5.80 10.86
CA GLY A 65 6.71 -5.05 10.01
C GLY A 65 7.23 -3.83 10.63
N SER A 66 7.62 -2.86 9.85
CA SER A 66 8.32 -1.72 10.37
C SER A 66 7.78 -0.44 9.76
N ILE A 67 8.09 0.67 10.40
CA ILE A 67 7.84 2.01 9.87
C ILE A 67 9.12 2.82 10.04
N ASN A 68 9.43 3.69 9.07
CA ASN A 68 10.64 4.54 9.15
C ASN A 68 10.42 5.83 8.47
N SER A 69 11.05 6.86 9.10
CA SER A 69 11.25 8.20 8.50
C SER A 69 12.70 8.55 8.78
N MET A 70 13.64 7.81 8.25
CA MET A 70 15.04 8.05 8.57
C MET A 70 15.47 9.43 8.12
N GLY A 71 15.08 9.90 6.98
CA GLY A 71 15.55 11.19 6.49
C GLY A 71 16.81 11.12 5.71
N LEU A 72 17.16 10.01 5.10
CA LEU A 72 18.34 9.84 4.29
C LEU A 72 19.57 10.15 5.07
N PRO A 73 19.75 9.71 6.29
CA PRO A 73 21.04 9.90 7.01
C PRO A 73 22.12 9.13 6.25
N ASN A 74 23.29 9.67 5.98
CA ASN A 74 24.31 8.98 5.28
C ASN A 74 25.65 9.71 5.42
N LEU A 75 26.72 9.02 5.14
CA LEU A 75 28.09 9.56 5.33
C LEU A 75 28.50 10.38 4.14
N GLY A 76 27.67 10.56 3.15
CA GLY A 76 28.02 11.31 1.95
C GLY A 76 28.71 10.44 0.90
N PHE A 77 28.48 10.87 -0.35
CA PHE A 77 28.94 10.10 -1.49
C PHE A 77 30.42 9.83 -1.51
N ASP A 78 31.21 10.81 -1.12
CA ASP A 78 32.67 10.58 -1.08
C ASP A 78 33.06 9.33 -0.27
N PHE A 79 32.39 9.13 0.84
CA PHE A 79 32.65 7.97 1.66
C PHE A 79 32.32 6.65 0.93
N TYR A 80 31.10 6.61 0.36
CA TYR A 80 30.70 5.39 -0.29
C TYR A 80 31.52 5.08 -1.53
N LEU A 81 31.91 6.15 -2.26
CA LEU A 81 32.81 5.99 -3.42
C LEU A 81 34.17 5.50 -3.00
N LYS A 82 34.72 5.97 -1.89
CA LYS A 82 35.96 5.49 -1.34
C LYS A 82 35.88 4.05 -0.94
N TYR A 83 34.74 3.69 -0.27
CA TYR A 83 34.52 2.27 0.07
C TYR A 83 34.52 1.41 -1.21
N ALA A 84 33.79 1.82 -2.22
CA ALA A 84 33.79 1.07 -3.48
C ALA A 84 35.12 0.97 -4.21
N SER A 85 35.87 2.05 -4.11
CA SER A 85 37.14 2.15 -4.88
C SER A 85 38.30 1.57 -4.13
N ASP A 86 38.34 1.65 -2.81
CA ASP A 86 39.53 1.24 -2.05
C ASP A 86 39.34 0.21 -0.95
N LEU A 87 38.13 0.07 -0.38
CA LEU A 87 37.95 -0.75 0.79
C LEU A 87 37.24 -2.08 0.56
N HIS A 88 36.28 -2.14 -0.34
CA HIS A 88 35.47 -3.32 -0.60
C HIS A 88 36.34 -4.41 -1.17
N ASP A 89 36.13 -5.62 -0.63
CA ASP A 89 36.77 -6.80 -1.15
C ASP A 89 35.85 -7.55 -2.19
N TYR A 90 36.08 -7.24 -3.45
CA TYR A 90 35.30 -7.77 -4.51
C TYR A 90 35.43 -9.31 -4.69
N SER A 91 36.42 -9.87 -4.07
CA SER A 91 36.60 -11.33 -4.15
C SER A 91 35.55 -11.98 -3.26
N LYS A 92 34.94 -11.21 -2.31
CA LYS A 92 33.98 -11.78 -1.46
C LYS A 92 32.55 -11.75 -2.02
N LYS A 93 32.15 -10.65 -2.63
CA LYS A 93 30.80 -10.57 -3.26
C LYS A 93 30.69 -9.25 -4.00
N PRO A 94 29.74 -9.12 -4.89
CA PRO A 94 29.49 -7.86 -5.58
C PRO A 94 28.95 -6.77 -4.64
N LEU A 95 29.26 -5.51 -5.03
CA LEU A 95 28.80 -4.37 -4.34
C LEU A 95 27.89 -3.54 -5.24
N PHE A 96 26.75 -3.09 -4.73
CA PHE A 96 25.90 -2.08 -5.30
C PHE A 96 26.00 -0.82 -4.50
N LEU A 97 26.11 0.32 -5.15
CA LEU A 97 26.08 1.62 -4.52
C LEU A 97 24.75 2.27 -4.83
N SER A 98 24.01 2.68 -3.84
CA SER A 98 22.71 3.36 -4.00
C SER A 98 22.88 4.84 -3.89
N ILE A 99 22.34 5.56 -4.84
CA ILE A 99 22.40 7.03 -4.82
C ILE A 99 20.98 7.63 -4.80
N SER A 100 20.71 8.66 -3.99
CA SER A 100 19.47 9.38 -3.89
C SER A 100 19.76 10.86 -3.76
N GLY A 101 20.24 11.44 -4.82
CA GLY A 101 20.35 12.92 -4.82
C GLY A 101 18.99 13.58 -4.84
N LEU A 102 18.95 14.80 -4.27
CA LEU A 102 17.68 15.51 -4.10
C LEU A 102 17.29 16.31 -5.35
N SER A 103 18.08 16.23 -6.44
CA SER A 103 17.76 16.84 -7.71
C SER A 103 18.47 16.04 -8.77
N VAL A 104 18.07 16.22 -10.00
CA VAL A 104 18.68 15.58 -11.06
C VAL A 104 20.15 15.97 -11.16
N GLU A 105 20.46 17.25 -10.96
CA GLU A 105 21.85 17.66 -11.06
C GLU A 105 22.80 17.04 -10.08
N GLU A 106 22.28 16.77 -8.89
CA GLU A 106 23.08 16.12 -7.87
C GLU A 106 23.34 14.66 -8.28
N ASN A 107 22.33 13.97 -8.73
CA ASN A 107 22.51 12.61 -9.23
C ASN A 107 23.50 12.58 -10.37
N VAL A 108 23.36 13.54 -11.33
CA VAL A 108 24.34 13.56 -12.38
C VAL A 108 25.80 13.74 -11.95
N ALA A 109 26.00 14.61 -10.96
CA ALA A 109 27.31 14.84 -10.46
C ALA A 109 27.92 13.61 -9.81
N MET A 110 27.08 12.88 -9.08
CA MET A 110 27.57 11.68 -8.45
C MET A 110 27.89 10.54 -9.46
N VAL A 111 26.94 10.32 -10.41
CA VAL A 111 27.16 9.24 -11.34
C VAL A 111 28.38 9.43 -12.26
N ARG A 112 28.68 10.70 -12.57
CA ARG A 112 29.87 10.92 -13.42
C ARG A 112 31.15 10.53 -12.73
N ARG A 113 31.19 10.64 -11.38
CA ARG A 113 32.29 10.21 -10.61
C ARG A 113 32.31 8.67 -10.34
N LEU A 114 31.12 8.07 -10.28
CA LEU A 114 31.08 6.65 -10.06
C LEU A 114 31.49 5.84 -11.28
N ALA A 115 31.15 6.38 -12.48
CA ALA A 115 31.40 5.62 -13.69
C ALA A 115 32.78 4.97 -13.82
N PRO A 116 33.90 5.72 -13.62
CA PRO A 116 35.20 5.03 -13.71
C PRO A 116 35.48 3.97 -12.71
N VAL A 117 34.93 4.15 -11.51
CA VAL A 117 35.02 3.10 -10.52
C VAL A 117 34.21 1.84 -10.84
N ALA A 118 33.03 2.05 -11.43
CA ALA A 118 32.28 0.95 -12.02
C ALA A 118 33.05 0.21 -13.07
N GLN A 119 33.69 0.95 -13.99
CA GLN A 119 34.48 0.30 -15.03
C GLN A 119 35.64 -0.45 -14.46
N GLU A 120 36.32 0.12 -13.50
CA GLU A 120 37.58 -0.47 -12.99
C GLU A 120 37.36 -1.63 -11.98
N LYS A 121 36.40 -1.43 -11.05
CA LYS A 121 36.14 -2.31 -9.92
C LYS A 121 34.88 -3.14 -10.09
N GLY A 122 33.95 -2.73 -10.89
CA GLY A 122 32.70 -3.45 -11.16
C GLY A 122 31.58 -3.15 -10.14
N VAL A 123 31.72 -2.17 -9.27
CA VAL A 123 30.59 -1.64 -8.45
C VAL A 123 29.40 -1.39 -9.38
N LEU A 124 28.19 -1.66 -8.89
CA LEU A 124 26.97 -1.48 -9.65
C LEU A 124 26.10 -0.39 -9.09
N LEU A 125 25.50 0.41 -9.91
CA LEU A 125 24.64 1.54 -9.47
C LEU A 125 23.20 1.17 -9.31
N GLU A 126 22.64 1.45 -8.16
CA GLU A 126 21.20 1.46 -7.97
C GLU A 126 20.75 2.90 -7.71
N LEU A 127 19.98 3.48 -8.62
CA LEU A 127 19.50 4.78 -8.50
C LEU A 127 18.14 4.79 -7.78
N ASN A 128 18.12 5.38 -6.62
CA ASN A 128 16.92 5.47 -5.78
C ASN A 128 16.07 6.65 -6.17
N LEU A 129 14.91 6.40 -6.77
CA LEU A 129 13.97 7.50 -7.09
C LEU A 129 13.18 8.11 -5.99
N SER A 130 13.28 7.62 -4.80
CA SER A 130 12.55 8.18 -3.65
C SER A 130 13.38 9.13 -2.87
N CYS A 131 12.78 10.18 -2.35
CA CYS A 131 13.49 11.15 -1.52
C CYS A 131 12.54 11.86 -0.60
N PRO A 132 13.14 12.63 0.36
CA PRO A 132 12.22 13.33 1.29
C PRO A 132 11.23 14.22 0.56
N ASN A 133 10.01 14.32 1.05
CA ASN A 133 8.97 15.04 0.37
C ASN A 133 9.25 16.55 0.37
N VAL A 134 8.86 17.10 -0.74
CA VAL A 134 8.87 18.56 -1.00
C VAL A 134 7.39 18.97 -1.18
N PRO A 135 6.86 19.89 -0.35
CA PRO A 135 5.45 20.32 -0.53
C PRO A 135 5.19 20.73 -1.93
N GLY A 136 4.08 20.27 -2.49
CA GLY A 136 3.70 20.60 -3.81
C GLY A 136 4.23 19.71 -4.91
N LYS A 137 5.13 18.80 -4.58
CA LYS A 137 5.78 17.98 -5.63
C LYS A 137 5.54 16.50 -5.28
N PRO A 138 5.06 15.68 -6.23
CA PRO A 138 5.00 14.24 -6.00
C PRO A 138 6.38 13.63 -6.03
N GLN A 139 6.51 12.48 -5.40
CA GLN A 139 7.70 11.70 -5.56
C GLN A 139 7.99 11.49 -7.07
N VAL A 140 9.26 11.44 -7.41
CA VAL A 140 9.73 11.34 -8.80
C VAL A 140 9.14 10.17 -9.52
N ALA A 141 9.05 8.96 -8.87
CA ALA A 141 8.45 7.87 -9.63
C ALA A 141 6.99 7.91 -9.85
N TYR A 142 6.30 8.86 -9.15
CA TYR A 142 4.94 9.13 -9.31
C TYR A 142 4.63 10.37 -10.18
N ASP A 143 5.66 10.85 -10.82
CA ASP A 143 5.61 11.98 -11.76
C ASP A 143 6.39 11.53 -12.99
N PHE A 144 5.68 10.98 -13.94
CA PHE A 144 6.34 10.24 -15.03
C PHE A 144 7.26 11.12 -15.88
N GLU A 145 6.94 12.38 -16.04
CA GLU A 145 7.87 13.22 -16.77
C GLU A 145 9.15 13.53 -15.99
N ALA A 146 9.05 13.71 -14.69
CA ALA A 146 10.22 13.80 -13.90
C ALA A 146 11.07 12.54 -13.96
N MET A 147 10.40 11.37 -13.81
CA MET A 147 11.13 10.13 -13.91
C MET A 147 11.94 10.04 -15.22
N ARG A 148 11.26 10.33 -16.31
CA ARG A 148 11.89 10.28 -17.63
C ARG A 148 13.12 11.19 -17.67
N THR A 149 13.01 12.40 -17.15
CA THR A 149 14.18 13.31 -17.04
C THR A 149 15.34 12.76 -16.24
N TYR A 150 15.06 12.22 -15.06
CA TYR A 150 16.07 11.69 -14.27
C TYR A 150 16.81 10.56 -15.03
N LEU A 151 16.09 9.70 -15.64
CA LEU A 151 16.70 8.57 -16.25
C LEU A 151 17.43 8.96 -17.51
N GLN A 152 16.88 9.91 -18.24
CA GLN A 152 17.62 10.41 -19.41
C GLN A 152 18.96 11.02 -18.99
N GLN A 153 18.90 11.87 -17.99
CA GLN A 153 20.09 12.56 -17.52
C GLN A 153 21.16 11.64 -16.89
N VAL A 154 20.68 10.68 -16.08
CA VAL A 154 21.57 9.71 -15.54
C VAL A 154 22.17 8.82 -16.58
N SER A 155 21.36 8.31 -17.49
CA SER A 155 21.85 7.47 -18.57
C SER A 155 22.97 8.18 -19.36
N LEU A 156 22.73 9.43 -19.65
CA LEU A 156 23.78 10.22 -20.42
C LEU A 156 25.06 10.41 -19.62
N ALA A 157 24.90 10.77 -18.37
CA ALA A 157 26.04 11.08 -17.50
C ALA A 157 26.81 9.87 -17.08
N TYR A 158 26.13 8.72 -16.91
CA TYR A 158 26.76 7.53 -16.41
C TYR A 158 27.29 6.67 -17.54
N GLY A 159 26.41 6.34 -18.47
CA GLY A 159 26.86 5.64 -19.65
C GLY A 159 27.02 4.13 -19.58
N LEU A 160 26.70 3.53 -18.43
CA LEU A 160 26.96 2.15 -18.19
C LEU A 160 25.61 1.57 -17.67
N PRO A 161 25.49 0.25 -17.70
CA PRO A 161 24.28 -0.42 -17.14
C PRO A 161 24.09 -0.03 -15.68
N PHE A 162 22.85 0.21 -15.29
CA PHE A 162 22.51 0.57 -13.91
C PHE A 162 21.13 0.06 -13.64
N GLY A 163 20.71 0.20 -12.41
CA GLY A 163 19.38 -0.15 -11.97
C GLY A 163 18.66 0.96 -11.29
N VAL A 164 17.38 0.79 -11.05
CA VAL A 164 16.57 1.79 -10.45
C VAL A 164 15.67 1.20 -9.37
N LYS A 165 15.67 1.78 -8.22
CA LYS A 165 14.84 1.40 -7.07
C LYS A 165 13.53 2.21 -7.15
N MET A 166 12.42 1.47 -7.22
CA MET A 166 11.09 2.02 -7.38
C MET A 166 10.20 1.89 -6.13
N PRO A 167 9.39 2.92 -5.83
CA PRO A 167 8.31 2.72 -4.92
C PRO A 167 7.22 1.88 -5.55
N PRO A 168 6.30 1.38 -4.71
CA PRO A 168 5.25 0.58 -5.26
C PRO A 168 4.22 1.40 -6.01
N TYR A 169 3.64 0.76 -6.97
CA TYR A 169 2.43 1.25 -7.66
C TYR A 169 1.22 0.37 -7.35
N PHE A 170 0.01 0.94 -7.53
CA PHE A 170 -1.22 0.32 -7.07
C PHE A 170 -2.31 0.32 -8.09
N ASP A 171 -1.94 0.69 -9.31
CA ASP A 171 -2.96 0.88 -10.39
C ASP A 171 -2.32 0.38 -11.67
N ILE A 172 -3.09 -0.39 -12.43
CA ILE A 172 -2.55 -1.06 -13.60
C ILE A 172 -2.14 -0.06 -14.67
N ALA A 173 -2.87 1.06 -14.80
CA ALA A 173 -2.37 2.13 -15.70
C ALA A 173 -1.05 2.67 -15.32
N HIS A 174 -0.78 2.80 -14.04
CA HIS A 174 0.49 3.27 -13.58
C HIS A 174 1.58 2.25 -13.88
N PHE A 175 1.35 0.97 -13.68
CA PHE A 175 2.33 -0.03 -14.07
C PHE A 175 2.67 0.12 -15.57
N ASP A 176 1.63 0.27 -16.37
CA ASP A 176 1.88 0.38 -17.81
C ASP A 176 2.71 1.64 -18.13
N THR A 177 2.41 2.78 -17.52
CA THR A 177 3.12 4.00 -17.82
C THR A 177 4.54 3.93 -17.32
N ALA A 178 4.74 3.44 -16.08
CA ALA A 178 6.05 3.35 -15.48
C ALA A 178 6.92 2.44 -16.26
N ALA A 179 6.40 1.26 -16.68
CA ALA A 179 7.26 0.32 -17.40
C ALA A 179 7.63 0.89 -18.78
N ALA A 180 6.69 1.61 -19.38
CA ALA A 180 7.01 2.21 -20.69
C ALA A 180 8.09 3.24 -20.50
N VAL A 181 8.12 4.03 -19.47
CA VAL A 181 9.21 4.93 -19.17
C VAL A 181 10.54 4.17 -19.02
N LEU A 182 10.58 3.15 -18.17
CA LEU A 182 11.75 2.42 -18.00
C LEU A 182 12.29 1.77 -19.22
N ASN A 183 11.40 1.27 -20.04
CA ASN A 183 11.78 0.59 -21.29
C ASN A 183 12.30 1.59 -22.38
N GLU A 184 12.23 2.87 -22.10
CA GLU A 184 12.86 3.90 -23.03
C GLU A 184 14.33 3.91 -22.81
N PHE A 185 14.85 3.30 -21.74
CA PHE A 185 16.26 3.45 -21.33
C PHE A 185 16.95 2.11 -21.34
N PRO A 186 17.71 1.74 -22.38
CA PRO A 186 18.35 0.48 -22.46
C PRO A 186 19.44 0.25 -21.38
N LEU A 187 19.99 1.35 -20.83
CA LEU A 187 21.05 1.14 -19.82
C LEU A 187 20.41 0.75 -18.46
N VAL A 188 19.10 0.91 -18.32
CA VAL A 188 18.43 0.44 -17.08
C VAL A 188 18.32 -1.03 -17.22
N LYS A 189 19.18 -1.82 -16.59
CA LYS A 189 19.26 -3.23 -16.77
C LYS A 189 18.57 -3.98 -15.64
N PHE A 190 18.30 -3.31 -14.53
CA PHE A 190 17.49 -3.95 -13.45
C PHE A 190 16.64 -2.92 -12.81
N VAL A 191 15.50 -3.40 -12.26
CA VAL A 191 14.53 -2.61 -11.58
C VAL A 191 14.34 -3.31 -10.20
N THR A 192 14.41 -2.57 -9.11
CA THR A 192 14.17 -3.13 -7.79
C THR A 192 12.83 -2.69 -7.33
N CYS A 193 11.99 -3.71 -7.05
CA CYS A 193 10.61 -3.55 -6.63
C CYS A 193 10.47 -4.22 -5.31
N VAL A 194 10.28 -3.56 -4.18
CA VAL A 194 9.85 -2.18 -4.04
C VAL A 194 10.57 -1.53 -2.84
N ASN A 195 10.63 -0.18 -2.89
CA ASN A 195 10.85 0.62 -1.70
C ASN A 195 9.69 0.44 -0.74
N SER A 196 9.84 1.00 0.44
CA SER A 196 8.76 0.92 1.46
C SER A 196 7.48 1.56 0.93
N VAL A 197 6.40 1.09 1.47
CA VAL A 197 5.07 1.58 1.09
C VAL A 197 4.89 2.95 1.77
N GLY A 198 4.71 4.01 1.03
CA GLY A 198 4.83 5.34 1.57
C GLY A 198 3.72 5.74 2.50
N ASN A 199 4.11 6.50 3.48
CA ASN A 199 3.21 7.26 4.33
C ASN A 199 2.14 6.39 5.01
N GLY A 200 2.62 5.34 5.63
CA GLY A 200 1.84 4.67 6.61
C GLY A 200 1.89 5.34 7.96
N LEU A 201 1.08 4.93 8.89
CA LEU A 201 0.96 5.53 10.26
C LEU A 201 0.71 4.48 11.22
N VAL A 202 1.65 4.26 12.14
CA VAL A 202 1.51 3.29 13.23
C VAL A 202 1.21 4.06 14.52
N ILE A 203 0.19 3.62 15.22
CA ILE A 203 -0.25 4.27 16.48
C ILE A 203 -0.25 3.20 17.57
N ASP A 204 0.32 3.55 18.72
CA ASP A 204 0.33 2.74 19.92
C ASP A 204 -0.97 2.95 20.77
N ALA A 205 -1.74 1.91 20.97
CA ALA A 205 -2.98 2.11 21.69
C ALA A 205 -2.76 2.50 23.17
N GLU A 206 -1.75 1.93 23.85
CA GLU A 206 -1.58 2.29 25.26
C GLU A 206 -1.25 3.72 25.45
N SER A 207 -0.29 4.25 24.69
CA SER A 207 0.16 5.58 24.84
C SER A 207 -0.67 6.62 24.07
N GLU A 208 -1.49 6.07 23.13
CA GLU A 208 -2.33 6.90 22.26
C GLU A 208 -1.51 7.79 21.36
N SER A 209 -0.30 7.35 21.03
CA SER A 209 0.71 8.11 20.35
C SER A 209 1.18 7.43 19.08
N VAL A 210 1.56 8.24 18.12
CA VAL A 210 2.41 7.75 17.06
C VAL A 210 3.71 7.23 17.55
N VAL A 211 4.42 6.41 16.80
CA VAL A 211 5.60 5.75 17.30
C VAL A 211 6.92 6.24 16.74
N ILE A 212 6.90 7.05 15.71
CA ILE A 212 8.09 7.74 15.25
C ILE A 212 7.82 9.27 15.32
N LYS A 213 8.91 9.99 15.55
CA LYS A 213 8.86 11.45 15.76
C LYS A 213 8.68 12.30 14.53
N PRO A 214 9.42 12.00 13.44
CA PRO A 214 9.30 12.91 12.30
C PRO A 214 7.91 12.84 11.68
N LYS A 215 7.54 13.89 10.95
CA LYS A 215 6.41 13.90 10.04
C LYS A 215 5.13 13.42 10.68
N GLN A 216 4.92 13.80 11.94
CA GLN A 216 3.71 13.53 12.70
C GLN A 216 3.41 12.01 12.70
N GLY A 217 4.47 11.21 12.67
CA GLY A 217 4.38 9.77 12.74
C GLY A 217 4.31 9.03 11.44
N PHE A 218 4.22 9.73 10.33
CA PHE A 218 4.03 9.09 9.01
C PHE A 218 5.40 8.59 8.53
N GLY A 219 5.49 7.42 7.92
CA GLY A 219 6.71 6.87 7.44
C GLY A 219 6.50 5.72 6.51
N GLY A 220 7.55 5.21 5.91
CA GLY A 220 7.41 4.13 4.98
C GLY A 220 7.30 2.81 5.73
N LEU A 221 6.46 1.96 5.18
CA LEU A 221 6.18 0.63 5.76
C LEU A 221 7.00 -0.43 5.06
N GLY A 222 7.53 -1.35 5.86
CA GLY A 222 8.18 -2.52 5.38
C GLY A 222 7.69 -3.75 6.12
N GLY A 223 8.18 -4.92 5.67
CA GLY A 223 7.86 -6.16 6.33
C GLY A 223 6.62 -6.91 5.85
N LYS A 224 6.00 -7.62 6.79
CA LYS A 224 4.93 -8.51 6.38
C LYS A 224 3.77 -7.75 5.81
N TYR A 225 3.51 -6.52 6.21
CA TYR A 225 2.46 -5.71 5.68
C TYR A 225 2.51 -5.63 4.13
N ILE A 226 3.72 -5.66 3.54
CA ILE A 226 3.92 -5.30 2.18
C ILE A 226 4.22 -6.38 1.21
N LEU A 227 4.23 -7.63 1.69
CA LEU A 227 4.61 -8.69 0.77
C LEU A 227 3.71 -8.81 -0.48
N PRO A 228 2.36 -8.83 -0.34
CA PRO A 228 1.54 -8.93 -1.60
C PRO A 228 1.77 -7.74 -2.54
N THR A 229 1.97 -6.55 -2.00
CA THR A 229 2.28 -5.37 -2.80
C THR A 229 3.59 -5.56 -3.54
N ALA A 230 4.59 -6.03 -2.80
CA ALA A 230 5.89 -6.30 -3.40
C ALA A 230 5.84 -7.30 -4.54
N LEU A 231 5.18 -8.45 -4.29
CA LEU A 231 5.05 -9.46 -5.28
C LEU A 231 4.36 -8.97 -6.54
N ALA A 232 3.31 -8.18 -6.34
CA ALA A 232 2.57 -7.59 -7.48
C ALA A 232 3.48 -6.69 -8.31
N ASN A 233 4.29 -5.87 -7.69
CA ASN A 233 5.15 -5.01 -8.43
C ASN A 233 6.26 -5.78 -9.12
N VAL A 234 6.85 -6.76 -8.44
CA VAL A 234 7.83 -7.59 -9.08
C VAL A 234 7.23 -8.23 -10.33
N ASN A 235 6.06 -8.84 -10.21
CA ASN A 235 5.52 -9.57 -11.36
C ASN A 235 5.09 -8.58 -12.44
N ALA A 236 4.51 -7.43 -12.06
CA ALA A 236 4.04 -6.51 -13.09
C ALA A 236 5.19 -6.03 -13.89
N PHE A 237 6.32 -5.70 -13.29
CA PHE A 237 7.53 -5.29 -14.04
C PHE A 237 8.20 -6.42 -14.74
N TYR A 238 8.21 -7.62 -14.18
CA TYR A 238 8.78 -8.79 -14.84
C TYR A 238 8.06 -9.00 -16.17
N ARG A 239 6.71 -8.90 -16.14
CA ARG A 239 5.93 -9.13 -17.39
C ARG A 239 6.23 -8.00 -18.35
N ARG A 240 6.34 -6.77 -17.89
CA ARG A 240 6.40 -5.59 -18.80
C ARG A 240 7.81 -5.26 -19.31
N CYS A 241 8.81 -5.76 -18.63
CA CYS A 241 10.20 -5.37 -18.94
C CYS A 241 10.99 -6.64 -19.25
N PRO A 242 10.71 -7.35 -20.34
CA PRO A 242 11.40 -8.58 -20.70
C PRO A 242 12.88 -8.47 -20.92
N ASP A 243 13.40 -7.31 -21.22
CA ASP A 243 14.84 -7.12 -21.41
C ASP A 243 15.62 -6.62 -20.22
N LYS A 244 14.92 -6.51 -19.08
CA LYS A 244 15.49 -6.14 -17.82
C LYS A 244 15.46 -7.27 -16.81
N LEU A 245 16.24 -7.19 -15.78
CA LEU A 245 16.10 -8.00 -14.57
C LEU A 245 15.22 -7.25 -13.58
N VAL A 246 14.51 -7.99 -12.71
CA VAL A 246 13.77 -7.43 -11.60
C VAL A 246 14.38 -7.96 -10.34
N PHE A 247 14.67 -7.09 -9.39
CA PHE A 247 15.13 -7.49 -8.07
C PHE A 247 13.96 -7.32 -7.12
N GLY A 248 13.60 -8.30 -6.33
CA GLY A 248 12.49 -8.21 -5.43
C GLY A 248 12.91 -7.70 -4.09
N CYS A 249 12.13 -6.89 -3.47
CA CYS A 249 12.31 -6.40 -2.14
C CYS A 249 10.99 -6.19 -1.56
N GLY A 250 10.76 -6.69 -0.34
CA GLY A 250 9.56 -6.41 0.43
C GLY A 250 9.03 -7.65 1.07
N GLY A 251 9.01 -7.67 2.38
CA GLY A 251 8.34 -8.72 3.09
C GLY A 251 9.04 -10.01 3.17
N VAL A 252 10.33 -10.10 2.89
CA VAL A 252 11.03 -11.38 2.94
C VAL A 252 11.45 -11.64 4.39
N TYR A 253 10.92 -12.71 4.98
CA TYR A 253 11.31 -13.18 6.31
C TYR A 253 11.76 -14.65 6.25
N SER A 254 11.57 -15.35 5.17
CA SER A 254 11.76 -16.78 5.13
C SER A 254 12.12 -17.18 3.72
N GLY A 255 12.70 -18.37 3.55
CA GLY A 255 12.99 -18.88 2.23
C GLY A 255 11.68 -19.07 1.45
N GLU A 256 10.55 -19.29 2.08
CA GLU A 256 9.32 -19.36 1.32
C GLU A 256 8.95 -18.01 0.72
N ASP A 257 9.14 -16.95 1.46
CA ASP A 257 8.83 -15.63 0.94
C ASP A 257 9.80 -15.32 -0.19
N ALA A 258 11.08 -15.70 -0.11
CA ALA A 258 12.00 -15.58 -1.23
C ALA A 258 11.59 -16.35 -2.48
N PHE A 259 11.13 -17.58 -2.21
CA PHE A 259 10.62 -18.44 -3.26
C PHE A 259 9.46 -17.76 -4.03
N LEU A 260 8.58 -17.11 -3.30
CA LEU A 260 7.45 -16.40 -3.89
C LEU A 260 7.96 -15.22 -4.78
N HIS A 261 8.93 -14.47 -4.27
CA HIS A 261 9.53 -13.39 -5.05
C HIS A 261 10.10 -13.92 -6.34
N ILE A 262 10.85 -15.03 -6.25
CA ILE A 262 11.45 -15.60 -7.44
C ILE A 262 10.39 -16.13 -8.41
N LEU A 263 9.38 -16.82 -7.91
CA LEU A 263 8.29 -17.23 -8.76
C LEU A 263 7.64 -16.03 -9.50
N ALA A 264 7.55 -14.88 -8.83
CA ALA A 264 6.99 -13.69 -9.42
C ALA A 264 7.90 -13.07 -10.49
N GLY A 265 9.18 -13.41 -10.45
CA GLY A 265 10.15 -12.93 -11.42
C GLY A 265 11.46 -12.42 -10.87
N ALA A 266 11.65 -12.37 -9.58
CA ALA A 266 12.91 -11.82 -9.01
C ALA A 266 14.13 -12.62 -9.36
N SER A 267 15.16 -11.84 -9.70
CA SER A 267 16.52 -12.35 -9.89
C SER A 267 17.27 -12.27 -8.59
N MET A 268 17.44 -11.16 -7.97
CA MET A 268 17.96 -11.04 -6.61
C MET A 268 16.80 -10.74 -5.73
N VAL A 269 16.97 -11.06 -4.44
CA VAL A 269 15.99 -10.89 -3.39
C VAL A 269 16.64 -10.14 -2.25
N GLN A 270 16.10 -8.98 -1.97
CA GLN A 270 16.63 -8.07 -0.96
C GLN A 270 15.81 -8.19 0.34
N VAL A 271 16.50 -8.02 1.47
CA VAL A 271 15.91 -8.21 2.79
C VAL A 271 16.16 -6.94 3.65
N GLY A 272 15.07 -6.24 4.04
CA GLY A 272 15.10 -5.06 4.79
C GLY A 272 14.73 -5.25 6.23
N THR A 273 13.48 -5.05 6.55
CA THR A 273 13.01 -5.22 7.93
C THR A 273 13.47 -6.47 8.60
N ALA A 274 13.31 -7.60 7.94
CA ALA A 274 13.71 -8.84 8.63
C ALA A 274 15.19 -8.88 8.96
N LEU A 275 16.02 -8.29 8.15
CA LEU A 275 17.45 -8.17 8.42
C LEU A 275 17.73 -7.21 9.56
N GLN A 276 17.05 -6.11 9.55
CA GLN A 276 17.15 -5.18 10.66
C GLN A 276 16.75 -5.83 11.96
N GLU A 277 15.78 -6.70 11.97
CA GLU A 277 15.33 -7.29 13.21
C GLU A 277 16.13 -8.50 13.60
N GLU A 278 16.55 -9.35 12.68
CA GLU A 278 17.18 -10.61 13.00
C GLU A 278 18.68 -10.50 12.95
N GLY A 279 19.26 -9.62 12.18
CA GLY A 279 20.66 -9.52 11.95
C GLY A 279 21.16 -10.38 10.78
N PRO A 280 22.42 -10.29 10.46
CA PRO A 280 22.98 -10.89 9.24
C PRO A 280 23.02 -12.40 9.25
N GLY A 281 22.81 -13.05 10.40
CA GLY A 281 22.62 -14.48 10.44
C GLY A 281 21.44 -14.92 9.63
N ILE A 282 20.47 -14.02 9.33
CA ILE A 282 19.31 -14.37 8.57
C ILE A 282 19.69 -14.94 7.27
N PHE A 283 20.81 -14.55 6.66
CA PHE A 283 21.12 -15.05 5.32
C PHE A 283 21.41 -16.52 5.28
N THR A 284 21.98 -17.10 6.29
CA THR A 284 22.19 -18.55 6.22
C THR A 284 20.87 -19.25 6.35
N ARG A 285 19.96 -18.77 7.15
CA ARG A 285 18.63 -19.34 7.27
C ARG A 285 17.87 -19.23 6.04
N LEU A 286 17.87 -18.08 5.37
CA LEU A 286 17.14 -17.99 4.14
C LEU A 286 17.64 -18.87 3.08
N GLU A 287 18.92 -19.03 2.94
CA GLU A 287 19.52 -19.94 1.97
C GLU A 287 19.13 -21.38 2.29
N ASP A 288 19.16 -21.75 3.52
CA ASP A 288 18.84 -23.15 3.85
C ASP A 288 17.38 -23.39 3.57
N GLU A 289 16.47 -22.46 3.94
CA GLU A 289 15.07 -22.63 3.75
C GLU A 289 14.74 -22.66 2.25
N LEU A 290 15.34 -21.82 1.44
CA LEU A 290 15.02 -21.79 -0.02
C LEU A 290 15.55 -23.10 -0.62
N LEU A 291 16.73 -23.61 -0.29
CA LEU A 291 17.22 -24.90 -0.80
C LEU A 291 16.28 -26.00 -0.38
N GLU A 292 15.73 -25.97 0.80
CA GLU A 292 14.82 -27.02 1.22
C GLU A 292 13.55 -27.06 0.43
N ILE A 293 12.95 -25.91 0.21
CA ILE A 293 11.75 -25.84 -0.61
C ILE A 293 12.05 -26.35 -2.04
N MET A 294 13.14 -25.92 -2.62
CA MET A 294 13.57 -26.40 -3.96
C MET A 294 13.68 -27.93 -3.93
N ALA A 295 14.35 -28.46 -2.95
CA ALA A 295 14.61 -29.92 -2.90
C ALA A 295 13.28 -30.62 -2.82
N ARG A 296 12.35 -30.15 -2.02
CA ARG A 296 11.06 -30.83 -1.83
C ARG A 296 10.32 -30.81 -3.14
N LYS A 297 10.45 -29.76 -3.95
CA LYS A 297 9.76 -29.62 -5.25
C LYS A 297 10.50 -30.26 -6.44
N GLY A 298 11.75 -30.66 -6.26
CA GLY A 298 12.55 -31.16 -7.35
C GLY A 298 13.19 -30.14 -8.23
N TYR A 299 13.33 -28.88 -7.78
CA TYR A 299 14.04 -27.91 -8.53
C TYR A 299 15.51 -27.86 -8.18
N ARG A 300 16.30 -27.83 -9.19
CA ARG A 300 17.72 -27.80 -9.07
C ARG A 300 18.31 -26.40 -9.32
N THR A 301 17.59 -25.49 -9.97
CA THR A 301 18.08 -24.21 -10.35
C THR A 301 16.96 -23.19 -10.06
N LEU A 302 17.35 -21.97 -9.86
CA LEU A 302 16.44 -20.84 -9.77
C LEU A 302 15.77 -20.58 -11.09
N GLU A 303 16.47 -20.78 -12.16
CA GLU A 303 15.95 -20.54 -13.47
C GLU A 303 14.74 -21.42 -13.81
N GLU A 304 14.66 -22.58 -13.22
CA GLU A 304 13.58 -23.49 -13.49
C GLU A 304 12.25 -22.92 -13.07
N PHE A 305 12.23 -22.01 -12.09
CA PHE A 305 10.93 -21.50 -11.60
C PHE A 305 10.84 -19.97 -11.59
N ARG A 306 11.88 -19.25 -11.95
CA ARG A 306 11.80 -17.79 -11.86
C ARG A 306 10.75 -17.33 -12.84
N GLY A 307 9.80 -16.49 -12.37
CA GLY A 307 8.78 -15.93 -13.20
C GLY A 307 7.72 -16.92 -13.63
N ARG A 308 7.73 -18.10 -13.06
CA ARG A 308 6.83 -19.17 -13.51
C ARG A 308 5.61 -19.31 -12.67
N VAL A 309 5.27 -18.26 -11.91
CA VAL A 309 4.01 -18.24 -11.14
C VAL A 309 2.86 -18.60 -12.13
N LYS A 310 2.00 -19.50 -11.68
CA LYS A 310 0.84 -19.96 -12.51
C LYS A 310 -0.35 -19.05 -12.27
N THR A 311 -1.08 -18.75 -13.33
CA THR A 311 -2.37 -18.06 -13.26
C THR A 311 -3.44 -19.10 -13.40
N ILE A 312 -4.68 -18.73 -13.05
CA ILE A 312 -5.83 -19.66 -13.13
C ILE A 312 -6.58 -19.41 -14.42
N GLU A 313 -6.71 -20.50 -15.19
CA GLU A 313 -7.51 -20.57 -16.44
C GLU A 313 -7.14 -19.50 -17.42
N MET B 1 -20.77 5.15 30.32
CA MET B 1 -19.91 4.92 29.15
C MET B 1 -20.75 4.55 27.94
N CYS B 2 -20.44 5.10 26.77
CA CYS B 2 -21.29 4.75 25.63
C CYS B 2 -20.62 5.03 24.33
N LEU B 3 -21.07 4.21 23.38
CA LEU B 3 -20.58 4.23 21.98
C LEU B 3 -21.45 5.02 21.04
N LYS B 4 -22.48 5.73 21.51
CA LYS B 4 -23.41 6.46 20.68
C LYS B 4 -22.79 7.54 19.96
N LEU B 5 -23.24 7.81 18.75
CA LEU B 5 -22.84 8.96 17.93
C LEU B 5 -24.07 9.59 17.28
N ASN B 6 -24.02 10.85 17.00
CA ASN B 6 -25.06 11.61 16.30
C ASN B 6 -24.31 12.36 15.26
N LEU B 7 -24.50 11.99 14.02
CA LEU B 7 -23.89 12.63 12.87
C LEU B 7 -24.74 12.59 11.67
N LEU B 8 -24.58 13.56 10.75
CA LEU B 8 -25.29 13.60 9.50
C LEU B 8 -26.81 13.58 9.75
N ASP B 9 -27.22 14.14 10.90
CA ASP B 9 -28.63 14.12 11.25
C ASP B 9 -29.28 12.76 11.53
N HIS B 10 -28.43 11.83 11.86
CA HIS B 10 -28.80 10.49 12.27
C HIS B 10 -28.16 10.09 13.59
N VAL B 11 -28.75 9.11 14.24
CA VAL B 11 -28.27 8.57 15.51
C VAL B 11 -27.82 7.16 15.25
N PHE B 12 -26.67 6.88 15.83
CA PHE B 12 -26.00 5.62 15.67
C PHE B 12 -25.73 5.04 17.04
N ALA B 13 -26.10 3.76 17.29
CA ALA B 13 -25.88 3.14 18.56
C ALA B 13 -24.41 2.96 18.92
N ASN B 14 -23.60 2.84 17.84
CA ASN B 14 -22.20 2.57 17.97
C ASN B 14 -21.59 2.90 16.59
N PRO B 15 -20.27 2.99 16.49
CA PRO B 15 -19.62 3.43 15.24
C PRO B 15 -19.48 2.37 14.21
N PHE B 16 -19.79 1.14 14.51
CA PHE B 16 -19.45 0.03 13.63
C PHE B 16 -20.47 -0.21 12.54
N MET B 17 -19.94 -0.52 11.38
CA MET B 17 -20.76 -0.90 10.23
C MET B 17 -19.95 -1.81 9.33
N ASN B 18 -20.64 -2.53 8.43
CA ASN B 18 -19.92 -3.22 7.38
C ASN B 18 -19.21 -2.28 6.48
N ALA B 19 -18.14 -2.73 5.84
CA ALA B 19 -17.53 -2.11 4.69
C ALA B 19 -18.33 -2.45 3.44
N ALA B 20 -18.48 -1.51 2.52
CA ALA B 20 -19.23 -1.78 1.33
C ALA B 20 -18.59 -2.97 0.63
N GLY B 21 -19.50 -3.83 0.11
CA GLY B 21 -19.17 -5.01 -0.55
C GLY B 21 -19.23 -6.23 0.29
N VAL B 22 -19.11 -6.10 1.62
CA VAL B 22 -19.16 -7.29 2.49
C VAL B 22 -20.54 -7.40 3.14
N LEU B 23 -21.17 -8.58 3.05
CA LEU B 23 -22.45 -8.85 3.65
C LEU B 23 -23.52 -7.82 3.36
N CYS B 24 -23.67 -7.54 2.06
CA CYS B 24 -24.52 -6.43 1.70
C CYS B 24 -25.05 -6.44 0.29
N SER B 25 -24.97 -7.54 -0.38
CA SER B 25 -25.34 -7.61 -1.83
C SER B 25 -26.77 -7.98 -2.03
N THR B 26 -27.35 -8.85 -1.27
CA THR B 26 -28.73 -9.34 -1.48
C THR B 26 -29.64 -8.87 -0.36
N GLU B 27 -30.94 -9.05 -0.51
CA GLU B 27 -31.88 -8.74 0.53
C GLU B 27 -31.53 -9.53 1.82
N GLU B 28 -31.21 -10.81 1.65
CA GLU B 28 -30.82 -11.61 2.79
C GLU B 28 -29.64 -10.96 3.55
N ASP B 29 -28.62 -10.57 2.82
CA ASP B 29 -27.45 -9.97 3.43
C ASP B 29 -27.83 -8.72 4.18
N LEU B 30 -28.64 -7.83 3.56
CA LEU B 30 -29.02 -6.56 4.19
C LEU B 30 -29.87 -6.78 5.43
N ARG B 31 -30.76 -7.79 5.40
CA ARG B 31 -31.54 -8.11 6.55
C ARG B 31 -30.63 -8.65 7.67
N CYS B 32 -29.61 -9.42 7.33
CA CYS B 32 -28.64 -9.89 8.29
C CYS B 32 -27.88 -8.76 8.97
N MET B 33 -27.35 -7.88 8.13
CA MET B 33 -26.66 -6.66 8.66
C MET B 33 -27.62 -5.87 9.53
N THR B 34 -28.90 -5.70 9.15
CA THR B 34 -29.85 -4.97 9.98
C THR B 34 -30.08 -5.67 11.34
N ALA B 35 -30.15 -7.02 11.35
CA ALA B 35 -30.38 -7.75 12.60
C ALA B 35 -29.21 -7.79 13.52
N SER B 36 -28.03 -7.45 12.99
CA SER B 36 -26.75 -7.46 13.74
C SER B 36 -26.72 -6.30 14.72
N SER B 37 -25.68 -6.32 15.59
CA SER B 37 -25.49 -5.24 16.53
C SER B 37 -24.75 -4.09 15.93
N SER B 38 -24.45 -4.05 14.63
CA SER B 38 -23.77 -2.87 14.06
C SER B 38 -24.58 -1.63 14.22
N GLY B 39 -23.89 -0.49 14.24
CA GLY B 39 -24.57 0.80 14.33
C GLY B 39 -25.21 1.33 13.05
N ALA B 40 -24.78 0.77 11.92
CA ALA B 40 -25.29 1.10 10.60
C ALA B 40 -24.94 0.01 9.65
N LEU B 41 -25.40 0.15 8.39
CA LEU B 41 -25.02 -0.72 7.30
C LEU B 41 -24.93 0.03 5.99
N VAL B 42 -24.12 -0.47 5.08
CA VAL B 42 -23.99 0.08 3.73
C VAL B 42 -24.27 -1.01 2.77
N SER B 43 -24.93 -0.68 1.65
CA SER B 43 -25.15 -1.64 0.58
C SER B 43 -24.01 -1.80 -0.34
N LYS B 44 -23.95 -2.89 -1.07
CA LYS B 44 -22.99 -3.14 -2.11
C LYS B 44 -22.95 -2.02 -3.10
N SER B 45 -21.76 -1.62 -3.50
CA SER B 45 -21.66 -0.59 -4.56
C SER B 45 -22.40 -1.14 -5.79
N CYS B 46 -23.28 -0.25 -6.31
CA CYS B 46 -24.12 -0.69 -7.42
C CYS B 46 -23.87 0.10 -8.69
N THR B 47 -24.36 -0.54 -9.73
CA THR B 47 -24.39 -0.02 -11.09
C THR B 47 -25.85 0.05 -11.51
N SER B 48 -26.06 0.81 -12.61
CA SER B 48 -27.43 0.88 -13.16
C SER B 48 -28.04 -0.46 -13.48
N ALA B 49 -27.28 -1.33 -14.14
CA ALA B 49 -27.70 -2.68 -14.50
C ALA B 49 -27.11 -3.73 -13.55
N PRO B 50 -27.79 -4.80 -13.29
CA PRO B 50 -27.18 -5.93 -12.52
C PRO B 50 -25.94 -6.36 -13.20
N ARG B 51 -24.96 -6.86 -12.41
CA ARG B 51 -23.72 -7.43 -12.87
C ARG B 51 -23.45 -8.76 -12.20
N ASP B 52 -22.93 -9.73 -12.97
CA ASP B 52 -22.49 -10.99 -12.42
C ASP B 52 -21.07 -10.86 -11.82
N GLY B 53 -20.31 -9.89 -12.27
CA GLY B 53 -18.95 -9.79 -11.71
C GLY B 53 -18.02 -10.70 -12.42
N ASN B 54 -16.82 -10.81 -11.86
CA ASN B 54 -15.79 -11.59 -12.46
C ASN B 54 -15.88 -13.06 -12.15
N PRO B 55 -15.14 -13.88 -12.93
CA PRO B 55 -15.11 -15.31 -12.61
C PRO B 55 -14.46 -15.67 -11.30
N GLU B 56 -14.91 -16.75 -10.74
CA GLU B 56 -14.44 -17.28 -9.46
C GLU B 56 -13.28 -18.21 -9.70
N PRO B 57 -12.39 -18.32 -8.72
CA PRO B 57 -12.34 -17.65 -7.43
C PRO B 57 -11.93 -16.19 -7.55
N ARG B 58 -12.62 -15.35 -6.83
CA ARG B 58 -12.41 -13.91 -6.93
C ARG B 58 -12.21 -13.24 -5.64
N TYR B 59 -12.30 -13.98 -4.55
CA TYR B 59 -12.00 -13.52 -3.17
C TYR B 59 -11.29 -14.66 -2.46
N MET B 60 -10.20 -14.32 -1.74
CA MET B 60 -9.58 -15.25 -0.86
C MET B 60 -9.06 -14.59 0.39
N ALA B 61 -9.09 -15.27 1.50
CA ALA B 61 -8.58 -14.74 2.73
C ALA B 61 -7.59 -15.67 3.36
N PHE B 62 -6.76 -15.03 4.17
CA PHE B 62 -5.52 -15.64 4.73
C PHE B 62 -5.33 -15.00 6.09
N PRO B 63 -4.38 -15.53 6.90
CA PRO B 63 -4.25 -14.98 8.20
C PRO B 63 -4.04 -13.47 8.34
N LEU B 64 -3.37 -12.91 7.39
CA LEU B 64 -3.08 -11.49 7.44
C LEU B 64 -4.03 -10.67 6.61
N GLY B 65 -4.99 -11.24 5.94
CA GLY B 65 -5.96 -10.41 5.23
C GLY B 65 -6.50 -11.05 4.05
N SER B 66 -7.00 -10.31 3.05
CA SER B 66 -7.75 -10.84 1.93
C SER B 66 -7.26 -10.14 0.63
N ILE B 67 -7.60 -10.80 -0.44
CA ILE B 67 -7.42 -10.25 -1.78
C ILE B 67 -8.71 -10.46 -2.55
N ASN B 68 -9.10 -9.51 -3.40
CA ASN B 68 -10.34 -9.65 -4.18
C ASN B 68 -10.23 -8.95 -5.50
N SER B 69 -10.88 -9.52 -6.47
CA SER B 69 -11.19 -8.88 -7.74
C SER B 69 -12.65 -9.22 -8.08
N MET B 70 -13.61 -8.80 -7.28
CA MET B 70 -14.98 -9.20 -7.42
C MET B 70 -15.54 -8.73 -8.76
N GLY B 71 -15.23 -7.53 -9.25
CA GLY B 71 -15.80 -7.03 -10.51
C GLY B 71 -17.12 -6.40 -10.34
N LEU B 72 -17.46 -5.88 -9.20
CA LEU B 72 -18.67 -5.17 -8.95
C LEU B 72 -19.90 -6.08 -9.23
N PRO B 73 -19.96 -7.31 -8.76
CA PRO B 73 -21.22 -8.06 -8.79
C PRO B 73 -22.23 -7.36 -7.97
N ASN B 74 -23.47 -7.10 -8.49
CA ASN B 74 -24.49 -6.44 -7.71
C ASN B 74 -25.83 -6.67 -8.38
N LEU B 75 -26.91 -6.45 -7.63
CA LEU B 75 -28.29 -6.69 -8.14
C LEU B 75 -28.86 -5.49 -8.92
N GLY B 76 -28.06 -4.44 -9.11
CA GLY B 76 -28.53 -3.25 -9.87
C GLY B 76 -29.16 -2.23 -8.99
N PHE B 77 -29.02 -0.95 -9.39
CA PHE B 77 -29.52 0.12 -8.64
C PHE B 77 -30.96 0.01 -8.25
N ASP B 78 -31.83 -0.42 -9.14
CA ASP B 78 -33.21 -0.45 -8.83
C ASP B 78 -33.48 -1.30 -7.60
N PHE B 79 -32.78 -2.41 -7.47
CA PHE B 79 -32.92 -3.23 -6.28
C PHE B 79 -32.52 -2.49 -4.97
N TYR B 80 -31.32 -1.87 -4.97
CA TYR B 80 -30.87 -1.19 -3.77
C TYR B 80 -31.72 0.06 -3.44
N LEU B 81 -32.26 0.71 -4.49
CA LEU B 81 -33.20 1.82 -4.29
C LEU B 81 -34.49 1.36 -3.68
N LYS B 82 -35.02 0.22 -4.11
CA LYS B 82 -36.23 -0.37 -3.56
C LYS B 82 -36.01 -0.77 -2.13
N TYR B 83 -34.80 -1.33 -1.84
CA TYR B 83 -34.49 -1.70 -0.46
C TYR B 83 -34.56 -0.45 0.43
N ALA B 84 -33.91 0.60 -0.01
CA ALA B 84 -33.90 1.86 0.73
C ALA B 84 -35.28 2.51 0.86
N SER B 85 -36.10 2.39 -0.15
CA SER B 85 -37.35 3.10 -0.14
C SER B 85 -38.47 2.31 0.53
N ASP B 86 -38.43 1.01 0.46
CA ASP B 86 -39.61 0.19 0.83
C ASP B 86 -39.28 -0.90 1.82
N LEU B 87 -38.02 -1.41 1.94
CA LEU B 87 -37.75 -2.60 2.72
C LEU B 87 -37.01 -2.36 4.02
N HIS B 88 -36.08 -1.41 4.00
CA HIS B 88 -35.24 -1.22 5.19
C HIS B 88 -36.06 -0.68 6.37
N ASP B 89 -35.71 -1.21 7.55
CA ASP B 89 -36.31 -0.71 8.77
C ASP B 89 -35.41 0.34 9.40
N TYR B 90 -35.70 1.57 9.13
CA TYR B 90 -34.98 2.70 9.66
C TYR B 90 -35.04 2.84 11.19
N SER B 91 -36.01 2.17 11.79
CA SER B 91 -36.07 2.24 13.23
C SER B 91 -34.94 1.39 13.81
N LYS B 92 -34.33 0.50 13.04
CA LYS B 92 -33.29 -0.38 13.60
C LYS B 92 -31.91 0.36 13.54
N LYS B 93 -31.57 0.92 12.38
CA LYS B 93 -30.32 1.66 12.22
C LYS B 93 -30.34 2.41 10.91
N PRO B 94 -29.41 3.34 10.73
CA PRO B 94 -29.27 4.01 9.45
C PRO B 94 -28.71 3.18 8.38
N LEU B 95 -29.07 3.52 7.13
CA LEU B 95 -28.62 2.89 5.92
C LEU B 95 -27.86 3.84 5.06
N PHE B 96 -26.72 3.39 4.56
CA PHE B 96 -25.96 4.01 3.50
C PHE B 96 -26.11 3.19 2.26
N LEU B 97 -26.21 3.88 1.08
CA LEU B 97 -26.27 3.22 -0.18
C LEU B 97 -25.03 3.61 -0.93
N SER B 98 -24.26 2.66 -1.37
CA SER B 98 -23.04 2.96 -2.09
C SER B 98 -23.27 2.82 -3.58
N ILE B 99 -22.79 3.76 -4.38
CA ILE B 99 -22.90 3.73 -5.83
C ILE B 99 -21.57 3.73 -6.47
N SER B 100 -21.38 2.96 -7.54
CA SER B 100 -20.12 2.90 -8.26
C SER B 100 -20.38 2.76 -9.74
N GLY B 101 -21.02 3.75 -10.31
CA GLY B 101 -21.19 3.77 -11.79
C GLY B 101 -19.90 3.75 -12.53
N LEU B 102 -20.01 3.27 -13.77
CA LEU B 102 -18.84 3.04 -14.61
C LEU B 102 -18.45 4.27 -15.44
N SER B 103 -19.28 5.30 -15.35
CA SER B 103 -19.03 6.61 -15.95
C SER B 103 -19.70 7.69 -15.10
N VAL B 104 -19.32 8.92 -15.32
CA VAL B 104 -19.99 10.02 -14.61
C VAL B 104 -21.49 10.05 -14.94
N GLU B 105 -21.89 9.81 -16.19
CA GLU B 105 -23.27 9.84 -16.49
C GLU B 105 -24.14 8.77 -15.78
N GLU B 106 -23.55 7.61 -15.62
CA GLU B 106 -24.24 6.54 -14.89
C GLU B 106 -24.43 6.95 -13.42
N ASN B 107 -23.40 7.52 -12.81
CA ASN B 107 -23.56 8.01 -11.44
C ASN B 107 -24.60 9.10 -11.31
N VAL B 108 -24.56 10.07 -12.26
CA VAL B 108 -25.58 11.09 -12.25
C VAL B 108 -27.01 10.57 -12.36
N ALA B 109 -27.19 9.59 -13.25
CA ALA B 109 -28.51 8.99 -13.37
C ALA B 109 -29.04 8.36 -12.10
N MET B 110 -28.11 7.71 -11.39
CA MET B 110 -28.52 7.03 -10.17
C MET B 110 -28.83 8.06 -9.09
N VAL B 111 -27.92 9.04 -8.90
CA VAL B 111 -28.14 9.98 -7.82
C VAL B 111 -29.41 10.87 -7.96
N ARG B 112 -29.76 11.11 -9.21
CA ARG B 112 -30.98 11.85 -9.49
C ARG B 112 -32.19 11.13 -8.99
N ARG B 113 -32.20 9.81 -9.12
CA ARG B 113 -33.28 9.01 -8.62
C ARG B 113 -33.20 8.63 -7.14
N LEU B 114 -32.01 8.64 -6.60
CA LEU B 114 -31.85 8.44 -5.16
C LEU B 114 -32.30 9.66 -4.34
N ALA B 115 -32.04 10.85 -4.87
CA ALA B 115 -32.33 12.10 -4.12
C ALA B 115 -33.66 12.11 -3.36
N PRO B 116 -34.77 11.84 -4.04
CA PRO B 116 -36.06 11.95 -3.35
C PRO B 116 -36.22 10.91 -2.22
N VAL B 117 -35.59 9.73 -2.35
CA VAL B 117 -35.61 8.76 -1.34
C VAL B 117 -34.68 9.12 -0.20
N ALA B 118 -33.56 9.70 -0.47
CA ALA B 118 -32.74 10.28 0.56
C ALA B 118 -33.45 11.30 1.33
N GLN B 119 -34.12 12.23 0.63
CA GLN B 119 -34.84 13.27 1.36
C GLN B 119 -35.97 12.75 2.20
N GLU B 120 -36.73 11.80 1.70
CA GLU B 120 -37.90 11.30 2.46
C GLU B 120 -37.62 10.27 3.52
N LYS B 121 -36.68 9.35 3.23
CA LYS B 121 -36.41 8.20 4.14
C LYS B 121 -35.08 8.36 4.89
N GLY B 122 -34.17 9.17 4.40
CA GLY B 122 -32.93 9.45 5.15
C GLY B 122 -31.78 8.51 4.78
N VAL B 123 -31.93 7.68 3.76
CA VAL B 123 -30.75 6.97 3.22
C VAL B 123 -29.66 7.88 2.87
N LEU B 124 -28.42 7.54 3.22
CA LEU B 124 -27.23 8.31 3.01
C LEU B 124 -26.40 7.81 1.84
N LEU B 125 -25.96 8.62 0.92
CA LEU B 125 -25.19 8.23 -0.24
C LEU B 125 -23.73 8.15 0.06
N GLU B 126 -23.08 7.05 -0.26
CA GLU B 126 -21.61 6.94 -0.34
C GLU B 126 -21.23 6.72 -1.81
N LEU B 127 -20.56 7.67 -2.39
CA LEU B 127 -20.08 7.57 -3.75
C LEU B 127 -18.72 6.91 -3.83
N ASN B 128 -18.60 5.76 -4.47
CA ASN B 128 -17.31 5.07 -4.58
C ASN B 128 -16.41 5.65 -5.62
N LEU B 129 -15.36 6.32 -5.26
CA LEU B 129 -14.47 6.91 -6.28
C LEU B 129 -13.25 6.05 -6.53
N SER B 130 -13.18 4.89 -5.93
CA SER B 130 -12.02 4.00 -5.99
C SER B 130 -12.51 2.92 -6.88
N CYS B 131 -12.76 3.25 -8.10
CA CYS B 131 -13.28 2.38 -9.07
C CYS B 131 -12.84 2.88 -10.56
N PRO B 132 -12.90 1.93 -11.52
CA PRO B 132 -12.73 2.21 -12.95
C PRO B 132 -13.41 3.39 -13.65
N ASN B 133 -12.63 4.08 -14.45
CA ASN B 133 -13.20 5.01 -15.39
C ASN B 133 -12.84 4.42 -16.75
N VAL B 134 -12.20 5.19 -17.60
CA VAL B 134 -11.79 4.63 -18.89
C VAL B 134 -10.68 3.61 -18.72
N PRO B 135 -10.86 2.35 -19.19
CA PRO B 135 -9.71 1.45 -19.11
C PRO B 135 -8.40 2.01 -19.76
N GLY B 136 -7.28 1.83 -19.06
CA GLY B 136 -5.98 2.37 -19.38
C GLY B 136 -5.70 3.70 -18.75
N LYS B 137 -6.73 4.22 -18.07
CA LYS B 137 -6.55 5.36 -17.22
C LYS B 137 -6.64 4.85 -15.77
N PRO B 138 -6.05 5.64 -14.88
CA PRO B 138 -6.14 5.31 -13.47
C PRO B 138 -7.52 5.33 -12.95
N GLN B 139 -7.73 4.69 -11.84
CA GLN B 139 -8.99 4.73 -11.24
C GLN B 139 -9.36 6.23 -10.93
N VAL B 140 -10.70 6.47 -10.75
CA VAL B 140 -11.18 7.89 -10.71
C VAL B 140 -10.41 8.73 -9.67
N ALA B 141 -10.24 8.19 -8.45
CA ALA B 141 -9.64 8.97 -7.38
C ALA B 141 -8.12 9.10 -7.48
N TYR B 142 -7.51 8.44 -8.46
CA TYR B 142 -6.16 8.66 -8.78
C TYR B 142 -5.99 9.53 -10.04
N ASP B 143 -7.10 10.09 -10.53
CA ASP B 143 -7.13 11.03 -11.68
C ASP B 143 -7.85 12.28 -11.20
N PHE B 144 -7.14 13.27 -10.67
CA PHE B 144 -7.75 14.36 -9.97
C PHE B 144 -8.72 15.17 -10.79
N GLU B 145 -8.43 15.29 -12.08
CA GLU B 145 -9.40 15.95 -12.92
C GLU B 145 -10.68 15.19 -13.11
N ALA B 146 -10.62 13.85 -13.26
CA ALA B 146 -11.81 13.06 -13.27
C ALA B 146 -12.50 13.18 -11.98
N MET B 147 -11.78 13.03 -10.85
CA MET B 147 -12.41 13.18 -9.58
C MET B 147 -13.25 14.46 -9.39
N ARG B 148 -12.66 15.57 -9.76
CA ARG B 148 -13.33 16.83 -9.71
C ARG B 148 -14.60 16.85 -10.56
N THR B 149 -14.52 16.31 -11.76
CA THR B 149 -15.71 16.22 -12.61
C THR B 149 -16.81 15.38 -11.99
N TYR B 150 -16.45 14.22 -11.45
CA TYR B 150 -17.44 13.44 -10.87
C TYR B 150 -18.12 14.13 -9.72
N LEU B 151 -17.34 14.78 -8.86
CA LEU B 151 -17.90 15.46 -7.68
C LEU B 151 -18.75 16.70 -8.09
N GLN B 152 -18.33 17.41 -9.13
CA GLN B 152 -19.15 18.54 -9.59
C GLN B 152 -20.51 18.08 -10.14
N GLN B 153 -20.46 16.98 -10.89
CA GLN B 153 -21.67 16.51 -11.55
C GLN B 153 -22.60 15.84 -10.54
N VAL B 154 -22.06 15.04 -9.59
CA VAL B 154 -22.89 14.46 -8.62
C VAL B 154 -23.47 15.48 -7.67
N SER B 155 -22.64 16.43 -7.27
CA SER B 155 -23.15 17.49 -6.38
C SER B 155 -24.33 18.25 -7.05
N LEU B 156 -24.17 18.62 -8.34
CA LEU B 156 -25.30 19.29 -9.02
C LEU B 156 -26.55 18.43 -9.13
N ALA B 157 -26.39 17.16 -9.44
CA ALA B 157 -27.48 16.25 -9.67
C ALA B 157 -28.19 15.80 -8.44
N TYR B 158 -27.42 15.63 -7.35
CA TYR B 158 -28.01 15.10 -6.12
C TYR B 158 -28.54 16.20 -5.21
N GLY B 159 -27.71 17.17 -4.93
CA GLY B 159 -28.15 18.35 -4.22
C GLY B 159 -28.30 18.25 -2.73
N LEU B 160 -27.80 17.16 -2.16
CA LEU B 160 -27.96 16.79 -0.77
C LEU B 160 -26.58 16.37 -0.25
N PRO B 161 -26.40 16.41 1.08
CA PRO B 161 -25.14 15.91 1.66
C PRO B 161 -24.90 14.45 1.28
N PHE B 162 -23.65 14.14 0.94
CA PHE B 162 -23.24 12.79 0.62
C PHE B 162 -21.83 12.59 1.09
N GLY B 163 -21.30 11.38 0.94
CA GLY B 163 -19.92 11.06 1.21
C GLY B 163 -19.26 10.35 0.10
N VAL B 164 -17.94 10.20 0.23
CA VAL B 164 -17.13 9.57 -0.77
C VAL B 164 -16.25 8.49 -0.20
N LYS B 165 -16.09 7.41 -0.87
CA LYS B 165 -15.16 6.32 -0.52
C LYS B 165 -13.93 6.46 -1.32
N MET B 166 -12.78 6.60 -0.68
CA MET B 166 -11.50 6.85 -1.31
C MET B 166 -10.52 5.70 -1.26
N PRO B 167 -9.76 5.51 -2.30
CA PRO B 167 -8.68 4.55 -2.23
C PRO B 167 -7.58 5.15 -1.33
N PRO B 168 -6.67 4.31 -0.88
CA PRO B 168 -5.56 4.86 -0.14
C PRO B 168 -4.59 5.61 -1.07
N TYR B 169 -3.98 6.62 -0.54
CA TYR B 169 -2.86 7.33 -1.18
C TYR B 169 -1.57 7.07 -0.40
N PHE B 170 -0.41 7.27 -1.04
CA PHE B 170 0.88 6.88 -0.57
C PHE B 170 1.91 7.99 -0.65
N ASP B 171 1.48 9.14 -1.11
CA ASP B 171 2.42 10.28 -1.36
C ASP B 171 1.73 11.52 -0.72
N ILE B 172 2.47 12.33 -0.01
CA ILE B 172 1.95 13.51 0.62
C ILE B 172 1.35 14.50 -0.38
N ALA B 173 1.93 14.61 -1.59
CA ALA B 173 1.35 15.51 -2.60
C ALA B 173 0.03 15.06 -2.93
N HIS B 174 -0.24 13.73 -2.95
CA HIS B 174 -1.57 13.25 -3.27
C HIS B 174 -2.55 13.49 -2.16
N PHE B 175 -2.14 13.36 -0.91
CA PHE B 175 -3.03 13.73 0.19
C PHE B 175 -3.41 15.20 0.03
N ASP B 176 -2.42 16.04 -0.26
CA ASP B 176 -2.72 17.47 -0.33
C ASP B 176 -3.68 17.74 -1.47
N THR B 177 -3.42 17.20 -2.65
CA THR B 177 -4.27 17.46 -3.79
C THR B 177 -5.68 16.88 -3.61
N ALA B 178 -5.78 15.60 -3.17
CA ALA B 178 -7.05 14.98 -2.99
C ALA B 178 -7.90 15.78 -2.04
N ALA B 179 -7.35 16.19 -0.89
CA ALA B 179 -8.13 16.91 0.04
C ALA B 179 -8.53 18.28 -0.45
N ALA B 180 -7.67 18.89 -1.20
CA ALA B 180 -8.05 20.17 -1.80
C ALA B 180 -9.22 19.98 -2.73
N VAL B 181 -9.25 18.93 -3.54
CA VAL B 181 -10.36 18.68 -4.42
C VAL B 181 -11.62 18.47 -3.59
N LEU B 182 -11.58 17.58 -2.55
CA LEU B 182 -12.77 17.34 -1.77
C LEU B 182 -13.29 18.59 -1.08
N ASN B 183 -12.41 19.45 -0.61
CA ASN B 183 -12.77 20.69 0.06
C ASN B 183 -13.41 21.73 -0.88
N GLU B 184 -13.39 21.48 -2.15
CA GLU B 184 -14.17 22.33 -3.12
C GLU B 184 -15.63 22.04 -3.08
N PHE B 185 -16.09 20.92 -2.46
CA PHE B 185 -17.45 20.46 -2.53
C PHE B 185 -18.09 20.44 -1.17
N PRO B 186 -18.86 21.43 -0.77
CA PRO B 186 -19.43 21.50 0.50
C PRO B 186 -20.47 20.40 0.77
N LEU B 187 -21.06 19.82 -0.25
CA LEU B 187 -22.01 18.72 -0.02
C LEU B 187 -21.31 17.40 0.36
N VAL B 188 -20.02 17.28 0.14
CA VAL B 188 -19.28 16.10 0.61
C VAL B 188 -19.02 16.27 2.08
N LYS B 189 -19.84 15.62 2.86
CA LYS B 189 -19.84 15.73 4.28
C LYS B 189 -19.09 14.64 5.00
N PHE B 190 -18.80 13.55 4.37
CA PHE B 190 -17.96 12.50 4.92
C PHE B 190 -17.04 11.94 3.88
N VAL B 191 -15.88 11.44 4.35
CA VAL B 191 -14.91 10.81 3.53
C VAL B 191 -14.53 9.48 4.15
N THR B 192 -14.70 8.39 3.45
CA THR B 192 -14.37 7.06 3.96
C THR B 192 -13.03 6.66 3.44
N CYS B 193 -12.10 6.46 4.38
CA CYS B 193 -10.74 6.10 4.09
C CYS B 193 -10.47 4.77 4.79
N VAL B 194 -10.23 3.65 4.11
CA VAL B 194 -9.86 3.50 2.73
C VAL B 194 -10.57 2.29 2.11
N ASN B 195 -10.64 2.34 0.78
CA ASN B 195 -10.90 1.16 -0.03
C ASN B 195 -9.66 0.24 0.01
N SER B 196 -9.75 -0.93 -0.64
CA SER B 196 -8.63 -1.87 -0.64
C SER B 196 -7.40 -1.26 -1.24
N VAL B 197 -6.26 -1.77 -0.82
CA VAL B 197 -4.98 -1.38 -1.38
C VAL B 197 -4.82 -2.05 -2.75
N GLY B 198 -4.76 -1.27 -3.78
CA GLY B 198 -4.90 -1.81 -5.14
C GLY B 198 -3.83 -2.71 -5.64
N ASN B 199 -4.30 -3.71 -6.40
CA ASN B 199 -3.40 -4.51 -7.21
C ASN B 199 -2.25 -5.10 -6.44
N GLY B 200 -2.57 -5.70 -5.34
CA GLY B 200 -1.69 -6.67 -4.73
C GLY B 200 -1.67 -8.02 -5.41
N LEU B 201 -0.74 -8.92 -5.04
CA LEU B 201 -0.64 -10.24 -5.64
C LEU B 201 -0.33 -11.24 -4.56
N VAL B 202 -1.27 -12.15 -4.30
CA VAL B 202 -1.00 -13.28 -3.38
C VAL B 202 -0.68 -14.53 -4.20
N ILE B 203 0.40 -15.17 -3.78
CA ILE B 203 0.87 -16.41 -4.41
C ILE B 203 1.00 -17.50 -3.34
N ASP B 204 0.45 -18.65 -3.69
CA ASP B 204 0.48 -19.82 -2.87
C ASP B 204 1.78 -20.65 -3.20
N ALA B 205 2.66 -20.79 -2.24
CA ALA B 205 3.88 -21.45 -2.44
C ALA B 205 3.77 -22.93 -2.82
N GLU B 206 2.81 -23.62 -2.26
CA GLU B 206 2.71 -25.11 -2.56
C GLU B 206 2.29 -25.35 -3.99
N SER B 207 1.29 -24.63 -4.47
CA SER B 207 0.78 -24.77 -5.81
C SER B 207 1.47 -23.92 -6.85
N GLU B 208 2.29 -22.98 -6.34
CA GLU B 208 3.05 -22.04 -7.20
C GLU B 208 2.11 -21.22 -8.05
N SER B 209 0.94 -20.90 -7.54
CA SER B 209 -0.12 -20.24 -8.30
C SER B 209 -0.66 -19.05 -7.57
N VAL B 210 -1.11 -18.05 -8.35
CA VAL B 210 -1.98 -17.02 -7.81
C VAL B 210 -3.22 -17.66 -7.22
N VAL B 211 -3.96 -16.93 -6.43
CA VAL B 211 -5.11 -17.46 -5.70
C VAL B 211 -6.44 -17.00 -6.16
N ILE B 212 -6.49 -15.97 -6.98
CA ILE B 212 -7.70 -15.53 -7.59
C ILE B 212 -7.52 -15.55 -9.11
N LYS B 213 -8.62 -15.77 -9.81
CA LYS B 213 -8.64 -15.96 -11.25
C LYS B 213 -8.57 -14.73 -12.08
N PRO B 214 -9.37 -13.68 -11.75
CA PRO B 214 -9.31 -12.54 -12.60
C PRO B 214 -7.94 -11.83 -12.62
N LYS B 215 -7.62 -11.05 -13.66
CA LYS B 215 -6.56 -10.13 -13.69
C LYS B 215 -5.24 -10.79 -13.33
N GLN B 216 -5.02 -12.04 -13.75
CA GLN B 216 -3.75 -12.75 -13.52
C GLN B 216 -3.37 -12.78 -12.03
N GLY B 217 -4.37 -12.77 -11.15
CA GLY B 217 -4.20 -12.87 -9.71
C GLY B 217 -4.15 -11.55 -9.01
N PHE B 218 -4.14 -10.42 -9.67
CA PHE B 218 -3.96 -9.12 -9.04
C PHE B 218 -5.31 -8.72 -8.49
N GLY B 219 -5.32 -8.15 -7.30
CA GLY B 219 -6.54 -7.70 -6.71
C GLY B 219 -6.35 -6.82 -5.50
N GLY B 220 -7.44 -6.27 -4.98
CA GLY B 220 -7.30 -5.30 -3.85
C GLY B 220 -7.11 -6.08 -2.58
N LEU B 221 -6.26 -5.54 -1.75
CA LEU B 221 -5.90 -6.08 -0.44
C LEU B 221 -6.65 -5.46 0.66
N GLY B 222 -7.11 -6.28 1.57
CA GLY B 222 -7.71 -5.85 2.83
C GLY B 222 -7.17 -6.58 4.02
N GLY B 223 -7.56 -6.13 5.17
CA GLY B 223 -7.19 -6.79 6.39
C GLY B 223 -5.95 -6.30 7.11
N LYS B 224 -5.29 -7.23 7.80
CA LYS B 224 -4.17 -6.82 8.65
C LYS B 224 -3.07 -6.14 7.85
N TYR B 225 -2.87 -6.52 6.58
CA TYR B 225 -1.88 -5.90 5.69
C TYR B 225 -1.99 -4.38 5.68
N ILE B 226 -3.21 -3.85 5.77
CA ILE B 226 -3.51 -2.46 5.41
C ILE B 226 -3.77 -1.56 6.57
N LEU B 227 -3.71 -1.99 7.80
CA LEU B 227 -4.07 -1.13 8.90
C LEU B 227 -3.24 0.15 9.00
N PRO B 228 -1.90 0.09 8.98
CA PRO B 228 -1.19 1.36 9.03
C PRO B 228 -1.45 2.28 7.84
N THR B 229 -1.69 1.76 6.65
CA THR B 229 -2.06 2.59 5.50
C THR B 229 -3.42 3.22 5.74
N ALA B 230 -4.39 2.46 6.28
CA ALA B 230 -5.72 3.00 6.61
C ALA B 230 -5.63 4.13 7.61
N LEU B 231 -4.88 3.92 8.70
CA LEU B 231 -4.79 4.91 9.74
C LEU B 231 -4.17 6.20 9.17
N ALA B 232 -3.13 6.07 8.34
CA ALA B 232 -2.48 7.20 7.74
C ALA B 232 -3.50 8.01 6.95
N ASN B 233 -4.29 7.31 6.13
CA ASN B 233 -5.24 8.05 5.29
C ASN B 233 -6.34 8.70 6.12
N VAL B 234 -6.86 8.00 7.10
CA VAL B 234 -7.83 8.59 8.01
C VAL B 234 -7.22 9.87 8.59
N ASN B 235 -6.03 9.82 9.17
CA ASN B 235 -5.46 10.97 9.86
C ASN B 235 -5.13 12.06 8.87
N ALA B 236 -4.65 11.72 7.70
CA ALA B 236 -4.30 12.75 6.68
C ALA B 236 -5.52 13.50 6.28
N PHE B 237 -6.64 12.85 6.02
CA PHE B 237 -7.85 13.54 5.65
C PHE B 237 -8.51 14.23 6.83
N TYR B 238 -8.43 13.69 8.00
CA TYR B 238 -8.91 14.32 9.22
C TYR B 238 -8.26 15.66 9.46
N ARG B 239 -6.97 15.74 9.27
CA ARG B 239 -6.18 16.98 9.40
C ARG B 239 -6.54 17.91 8.23
N ARG B 240 -6.75 17.48 7.04
CA ARG B 240 -6.89 18.37 5.88
C ARG B 240 -8.33 18.79 5.59
N CYS B 241 -9.30 18.09 6.16
CA CYS B 241 -10.73 18.40 5.88
C CYS B 241 -11.44 18.62 7.15
N PRO B 242 -11.23 19.79 7.78
CA PRO B 242 -11.77 20.05 9.11
C PRO B 242 -13.26 20.26 9.09
N ASP B 243 -13.83 20.52 7.96
CA ASP B 243 -15.31 20.65 7.90
C ASP B 243 -16.08 19.42 7.51
N LYS B 244 -15.36 18.30 7.38
CA LYS B 244 -15.94 17.03 6.97
C LYS B 244 -15.73 15.96 8.08
N LEU B 245 -16.52 14.94 8.09
CA LEU B 245 -16.29 13.75 8.92
C LEU B 245 -15.41 12.83 8.11
N VAL B 246 -14.66 12.00 8.83
CA VAL B 246 -13.91 10.93 8.25
C VAL B 246 -14.41 9.62 8.83
N PHE B 247 -14.72 8.65 7.99
CA PHE B 247 -15.05 7.27 8.38
C PHE B 247 -13.82 6.43 8.14
N GLY B 248 -13.46 5.58 9.07
CA GLY B 248 -12.33 4.74 8.86
C GLY B 248 -12.71 3.36 8.37
N CYS B 249 -11.91 2.81 7.49
CA CYS B 249 -12.06 1.43 7.01
C CYS B 249 -10.69 0.91 6.73
N GLY B 250 -10.39 -0.28 7.19
CA GLY B 250 -9.18 -0.98 6.83
C GLY B 250 -8.54 -1.60 8.04
N GLY B 251 -8.42 -2.92 8.00
CA GLY B 251 -7.67 -3.58 9.05
C GLY B 251 -8.31 -3.70 10.37
N VAL B 252 -9.60 -3.50 10.51
CA VAL B 252 -10.24 -3.63 11.86
C VAL B 252 -10.61 -5.09 12.12
N TYR B 253 -9.96 -5.66 13.12
CA TYR B 253 -10.26 -7.01 13.63
C TYR B 253 -10.60 -6.99 15.11
N SER B 254 -10.43 -5.88 15.78
CA SER B 254 -10.53 -5.84 17.22
C SER B 254 -10.97 -4.48 17.66
N GLY B 255 -11.46 -4.39 18.91
CA GLY B 255 -11.75 -3.11 19.45
C GLY B 255 -10.52 -2.23 19.55
N GLU B 256 -9.33 -2.76 19.73
CA GLU B 256 -8.11 -2.00 19.74
C GLU B 256 -7.89 -1.33 18.37
N ASP B 257 -8.08 -2.09 17.29
CA ASP B 257 -7.90 -1.53 15.98
C ASP B 257 -8.91 -0.40 15.72
N ALA B 258 -10.16 -0.56 16.21
CA ALA B 258 -11.15 0.46 16.12
C ALA B 258 -10.77 1.72 16.90
N PHE B 259 -10.26 1.48 18.11
CA PHE B 259 -9.78 2.59 18.92
C PHE B 259 -8.68 3.39 18.19
N LEU B 260 -7.74 2.72 17.52
CA LEU B 260 -6.76 3.40 16.73
C LEU B 260 -7.36 4.23 15.62
N HIS B 261 -8.26 3.67 14.84
CA HIS B 261 -8.98 4.44 13.85
C HIS B 261 -9.57 5.70 14.39
N ILE B 262 -10.24 5.57 15.55
CA ILE B 262 -10.94 6.71 16.16
C ILE B 262 -9.93 7.75 16.64
N LEU B 263 -8.84 7.31 17.27
CA LEU B 263 -7.74 8.24 17.65
C LEU B 263 -7.23 8.97 16.45
N ALA B 264 -7.13 8.33 15.27
CA ALA B 264 -6.72 8.97 14.04
C ALA B 264 -7.69 9.96 13.48
N GLY B 265 -8.94 9.85 13.90
CA GLY B 265 -9.96 10.79 13.46
C GLY B 265 -11.26 10.17 13.04
N ALA B 266 -11.38 8.86 12.99
CA ALA B 266 -12.61 8.24 12.43
C ALA B 266 -13.82 8.54 13.36
N SER B 267 -14.95 8.76 12.66
CA SER B 267 -16.30 8.82 13.24
C SER B 267 -16.90 7.41 13.19
N MET B 268 -17.37 7.01 12.08
CA MET B 268 -17.73 5.61 11.88
C MET B 268 -16.49 4.80 11.57
N VAL B 269 -16.59 3.47 11.89
CA VAL B 269 -15.54 2.49 11.66
C VAL B 269 -16.20 1.30 10.94
N GLN B 270 -15.68 1.05 9.76
CA GLN B 270 -16.23 0.00 8.90
C GLN B 270 -15.32 -1.22 8.96
N VAL B 271 -15.92 -2.41 8.76
CA VAL B 271 -15.31 -3.70 8.94
C VAL B 271 -15.60 -4.53 7.70
N GLY B 272 -14.51 -4.84 6.98
CA GLY B 272 -14.58 -5.61 5.73
C GLY B 272 -14.13 -7.08 5.92
N THR B 273 -12.88 -7.30 5.63
CA THR B 273 -12.31 -8.62 5.69
C THR B 273 -12.65 -9.34 6.99
N ALA B 274 -12.50 -8.67 8.14
CA ALA B 274 -12.77 -9.44 9.37
C ALA B 274 -14.21 -9.81 9.49
N LEU B 275 -15.16 -9.03 8.97
CA LEU B 275 -16.58 -9.40 8.95
C LEU B 275 -16.83 -10.51 7.99
N GLN B 276 -16.19 -10.46 6.83
CA GLN B 276 -16.30 -11.55 5.88
C GLN B 276 -15.82 -12.85 6.49
N GLU B 277 -14.79 -12.85 7.29
CA GLU B 277 -14.30 -14.06 7.86
C GLU B 277 -14.99 -14.53 9.11
N GLU B 278 -15.36 -13.61 9.98
CA GLU B 278 -15.97 -13.95 11.26
C GLU B 278 -17.48 -13.99 11.23
N GLY B 279 -18.11 -13.21 10.42
CA GLY B 279 -19.52 -13.02 10.42
C GLY B 279 -20.02 -11.94 11.35
N PRO B 280 -21.29 -11.69 11.31
CA PRO B 280 -21.84 -10.51 11.98
C PRO B 280 -21.79 -10.52 13.45
N GLY B 281 -21.55 -11.67 14.10
CA GLY B 281 -21.19 -11.69 15.50
C GLY B 281 -20.02 -10.85 15.90
N ILE B 282 -19.18 -10.49 14.92
CA ILE B 282 -18.04 -9.69 15.18
C ILE B 282 -18.50 -8.40 15.84
N PHE B 283 -19.65 -7.88 15.52
CA PHE B 283 -19.98 -6.55 16.04
C PHE B 283 -20.17 -6.54 17.53
N THR B 284 -20.66 -7.57 18.14
CA THR B 284 -20.77 -7.54 19.60
C THR B 284 -19.40 -7.60 20.15
N ARG B 285 -18.47 -8.37 19.65
CA ARG B 285 -17.13 -8.45 20.13
C ARG B 285 -16.41 -7.15 20.00
N LEU B 286 -16.55 -6.47 18.90
CA LEU B 286 -15.88 -5.23 18.74
C LEU B 286 -16.40 -4.17 19.69
N GLU B 287 -17.66 -4.16 19.92
CA GLU B 287 -18.29 -3.22 20.88
C GLU B 287 -17.80 -3.46 22.30
N ASP B 288 -17.77 -4.71 22.69
CA ASP B 288 -17.30 -5.09 24.04
C ASP B 288 -15.86 -4.73 24.17
N GLU B 289 -15.01 -5.05 23.19
CA GLU B 289 -13.59 -4.77 23.27
C GLU B 289 -13.32 -3.25 23.31
N LEU B 290 -13.98 -2.46 22.50
CA LEU B 290 -13.78 -1.05 22.55
C LEU B 290 -14.22 -0.48 23.89
N LEU B 291 -15.35 -0.89 24.41
CA LEU B 291 -15.82 -0.41 25.71
C LEU B 291 -14.84 -0.83 26.78
N GLU B 292 -14.16 -1.99 26.73
CA GLU B 292 -13.16 -2.36 27.72
C GLU B 292 -11.99 -1.43 27.68
N ILE B 293 -11.50 -1.02 26.50
CA ILE B 293 -10.38 -0.13 26.40
C ILE B 293 -10.77 1.20 26.93
N MET B 294 -11.96 1.70 26.61
CA MET B 294 -12.45 2.97 27.14
C MET B 294 -12.54 2.92 28.67
N ALA B 295 -13.00 1.84 29.22
CA ALA B 295 -13.16 1.75 30.72
C ALA B 295 -11.80 1.84 31.32
N ARG B 296 -10.81 1.16 30.81
CA ARG B 296 -9.48 1.13 31.39
C ARG B 296 -8.84 2.49 31.36
N LYS B 297 -9.11 3.29 30.39
CA LYS B 297 -8.57 4.62 30.12
C LYS B 297 -9.38 5.75 30.72
N GLY B 298 -10.53 5.44 31.26
CA GLY B 298 -11.44 6.42 31.79
C GLY B 298 -12.23 7.23 30.81
N TYR B 299 -12.38 6.81 29.56
CA TYR B 299 -13.13 7.54 28.56
C TYR B 299 -14.60 7.10 28.60
N ARG B 300 -15.48 8.09 28.61
CA ARG B 300 -16.87 7.80 28.66
C ARG B 300 -17.57 7.91 27.32
N THR B 301 -17.01 8.64 26.38
CA THR B 301 -17.60 8.82 25.06
C THR B 301 -16.51 8.78 24.00
N LEU B 302 -16.90 8.61 22.73
CA LEU B 302 -15.96 8.61 21.63
C LEU B 302 -15.34 9.95 21.34
N GLU B 303 -16.09 11.02 21.59
CA GLU B 303 -15.55 12.31 21.31
C GLU B 303 -14.42 12.70 22.25
N GLU B 304 -14.29 12.02 23.38
CA GLU B 304 -13.19 12.35 24.30
C GLU B 304 -11.85 12.00 23.68
N PHE B 305 -11.79 11.10 22.70
CA PHE B 305 -10.53 10.70 22.11
C PHE B 305 -10.47 10.73 20.59
N ARG B 306 -11.58 11.05 19.90
CA ARG B 306 -11.53 11.03 18.47
C ARG B 306 -10.57 12.08 17.98
N GLY B 307 -9.66 11.70 17.11
CA GLY B 307 -8.68 12.60 16.53
C GLY B 307 -7.58 13.07 17.48
N ARG B 308 -7.47 12.46 18.62
CA ARG B 308 -6.60 12.94 19.70
C ARG B 308 -5.31 12.16 19.69
N VAL B 309 -5.00 11.45 18.60
CA VAL B 309 -3.68 10.79 18.52
C VAL B 309 -2.57 11.85 18.83
N LYS B 310 -1.63 11.42 19.66
CA LYS B 310 -0.49 12.27 20.07
C LYS B 310 0.61 12.14 19.08
N THR B 311 1.32 13.22 18.79
CA THR B 311 2.59 13.17 18.06
C THR B 311 3.74 13.37 19.06
N ILE B 312 4.93 13.02 18.66
CA ILE B 312 6.10 13.14 19.53
C ILE B 312 6.79 14.48 19.34
N GLU B 313 6.93 15.21 20.45
CA GLU B 313 7.62 16.54 20.42
C GLU B 313 7.34 17.37 19.17
#